data_7NRO
#
_entry.id   7NRO
#
_cell.length_a   36.880
_cell.length_b   38.750
_cell.length_c   40.250
_cell.angle_alpha   77.600
_cell.angle_beta   75.380
_cell.angle_gamma   66.140
#
_symmetry.space_group_name_H-M   'P 1'
#
loop_
_entity.id
_entity.type
_entity.pdbx_description
1 polymer 'Alpha-ketoglutarate-dependent dioxygenase AlkB'
2 non-polymer '2-[[6-[(4-nitrophenyl)amino]-3-oxidanyl-pyridin-2-yl]carbonylamino]ethanoic acid'
3 non-polymer 'MANGANESE (II) ION'
4 water water
#
_entity_poly.entity_id   1
_entity_poly.type   'polypeptide(L)'
_entity_poly.pdbx_seq_one_letter_code
;MLDLFADAEPWQEPLAAGAVILRRFAFNAAEQLIRDINDVASQSPFRQMVTPGGYTMSVAMTNCGHLGWTTHRQGYLYSP
IDPQTNKPWPAMPQSFHNLCQRAATAAGYPDFQPDACLINRYAPGAKLSLHQDKDEPDLRAPIVSVSLGLPAIFQFGGLK
RNDPLKRLLLEHGDVVVWGGESRLFYHGIQPLKAGFHPLTIDCRYNLTFRQAGKKE
;
_entity_poly.pdbx_strand_id   A
#
# COMPACT_ATOMS: atom_id res chain seq x y z
N PRO A 14 13.98 2.33 18.10
CA PRO A 14 13.15 1.73 17.05
C PRO A 14 13.80 1.79 15.66
N LEU A 15 13.42 0.87 14.78
CA LEU A 15 13.97 0.86 13.43
C LEU A 15 13.62 2.14 12.69
N ALA A 16 12.38 2.61 12.86
CA ALA A 16 11.89 3.84 12.26
C ALA A 16 10.98 4.48 13.28
N ALA A 17 11.32 5.70 13.72
CA ALA A 17 10.55 6.39 14.74
C ALA A 17 9.09 6.55 14.33
N GLY A 18 8.17 6.05 15.14
CA GLY A 18 6.77 6.12 14.85
C GLY A 18 6.24 4.91 14.13
N ALA A 19 7.08 4.07 13.56
CA ALA A 19 6.60 2.90 12.85
C ALA A 19 6.38 1.75 13.83
N VAL A 20 5.37 0.97 13.58
CA VAL A 20 5.11 -0.22 14.37
C VAL A 20 5.08 -1.41 13.41
N ILE A 21 6.06 -2.28 13.51
CA ILE A 21 6.19 -3.43 12.62
C ILE A 21 5.53 -4.61 13.31
N LEU A 22 4.56 -5.24 12.67
CA LEU A 22 3.78 -6.35 13.21
C LEU A 22 4.00 -7.53 12.24
N ARG A 23 5.10 -8.25 12.44
CA ARG A 23 5.42 -9.33 11.51
C ARG A 23 4.38 -10.43 11.62
N ARG A 24 3.97 -10.94 10.46
CA ARG A 24 3.00 -12.01 10.34
C ARG A 24 1.62 -11.65 10.88
N PHE A 25 1.34 -10.39 11.13
CA PHE A 25 0.05 -10.02 11.72
C PHE A 25 -1.10 -10.44 10.83
N ALA A 26 -0.93 -10.40 9.53
CA ALA A 26 -1.97 -10.72 8.56
C ALA A 26 -1.82 -12.13 8.00
N PHE A 27 -0.96 -12.96 8.60
CA PHE A 27 -0.70 -14.28 8.04
C PHE A 27 -1.98 -15.11 7.99
N ASN A 28 -2.72 -15.16 9.09
CA ASN A 28 -3.93 -15.97 9.10
C ASN A 28 -4.99 -15.42 8.15
N ALA A 29 -5.09 -14.10 8.03
CA ALA A 29 -6.08 -13.45 7.17
C ALA A 29 -5.73 -13.49 5.69
N ALA A 30 -4.51 -13.92 5.32
CA ALA A 30 -4.01 -13.66 3.98
C ALA A 30 -4.85 -14.32 2.89
N GLU A 31 -5.28 -15.56 3.09
CA GLU A 31 -6.05 -16.20 2.04
C GLU A 31 -7.32 -15.42 1.71
N GLN A 32 -8.02 -14.96 2.75
CA GLN A 32 -9.23 -14.19 2.52
C GLN A 32 -8.89 -12.85 1.90
N LEU A 33 -7.81 -12.21 2.37
CA LEU A 33 -7.42 -10.94 1.80
C LEU A 33 -7.19 -11.08 0.30
N ILE A 34 -6.51 -12.15 -0.11
CA ILE A 34 -6.21 -12.34 -1.52
C ILE A 34 -7.46 -12.63 -2.32
N ARG A 35 -8.37 -13.41 -1.76
CA ARG A 35 -9.67 -13.58 -2.40
CA ARG A 35 -9.67 -13.58 -2.40
C ARG A 35 -10.32 -12.23 -2.65
N ASP A 36 -10.26 -11.35 -1.67
CA ASP A 36 -10.87 -10.03 -1.81
C ASP A 36 -10.10 -9.14 -2.78
N ILE A 37 -8.78 -9.23 -2.84
CA ILE A 37 -8.04 -8.53 -3.90
C ILE A 37 -8.57 -8.95 -5.27
N ASN A 38 -8.74 -10.25 -5.48
CA ASN A 38 -9.20 -10.73 -6.76
C ASN A 38 -10.59 -10.21 -7.07
N ASP A 39 -11.46 -10.16 -6.06
CA ASP A 39 -12.80 -9.62 -6.27
C ASP A 39 -12.73 -8.14 -6.64
N VAL A 40 -11.96 -7.35 -5.89
CA VAL A 40 -11.81 -5.94 -6.21
C VAL A 40 -11.32 -5.76 -7.63
N ALA A 41 -10.28 -6.48 -8.01
CA ALA A 41 -9.69 -6.33 -9.33
C ALA A 41 -10.61 -6.81 -10.45
N SER A 42 -11.60 -7.65 -10.14
CA SER A 42 -12.52 -8.09 -11.17
C SER A 42 -13.38 -6.93 -11.59
N GLN A 43 -13.52 -5.89 -10.77
CA GLN A 43 -14.32 -4.71 -11.03
C GLN A 43 -13.49 -3.52 -11.45
N SER A 44 -12.47 -3.18 -10.66
CA SER A 44 -11.49 -2.15 -11.00
C SER A 44 -10.17 -2.86 -11.27
N PRO A 45 -9.81 -3.12 -12.52
CA PRO A 45 -8.66 -3.98 -12.80
C PRO A 45 -7.35 -3.31 -12.39
N PHE A 46 -6.38 -4.14 -12.10
CA PHE A 46 -5.04 -3.62 -11.96
C PHE A 46 -4.62 -2.91 -13.23
N ARG A 47 -3.93 -1.78 -13.09
CA ARG A 47 -3.38 -1.03 -14.23
C ARG A 47 -2.06 -0.41 -13.82
N GLN A 48 -1.16 -0.30 -14.79
CA GLN A 48 0.13 0.34 -14.60
C GLN A 48 -0.08 1.81 -14.94
N MET A 49 -0.09 2.65 -13.92
CA MET A 49 -0.31 4.06 -14.11
C MET A 49 0.92 4.72 -14.68
N VAL A 50 0.71 5.91 -15.22
CA VAL A 50 1.77 6.71 -15.80
C VAL A 50 2.08 7.83 -14.85
N THR A 51 3.34 7.99 -14.53
CA THR A 51 3.72 9.01 -13.59
C THR A 51 3.60 10.39 -14.24
N PRO A 52 3.68 11.45 -13.42
CA PRO A 52 3.72 12.81 -13.99
C PRO A 52 4.85 13.05 -14.99
N GLY A 53 5.98 12.38 -14.86
CA GLY A 53 7.06 12.52 -15.83
C GLY A 53 6.92 11.69 -17.10
N GLY A 54 5.83 10.96 -17.25
CA GLY A 54 5.57 10.20 -18.45
C GLY A 54 5.95 8.75 -18.42
N TYR A 55 6.40 8.22 -17.30
CA TYR A 55 6.89 6.86 -17.27
C TYR A 55 5.80 5.92 -16.78
N THR A 56 5.70 4.77 -17.41
CA THR A 56 4.74 3.77 -16.95
C THR A 56 5.34 3.03 -15.75
N MET A 57 4.65 3.03 -14.64
N MET A 57 4.63 3.04 -14.64
CA MET A 57 5.15 2.36 -13.46
CA MET A 57 5.08 2.33 -13.44
C MET A 57 5.23 0.87 -13.70
C MET A 57 5.27 0.86 -13.77
N SER A 58 6.23 0.23 -13.08
CA SER A 58 6.36 -1.22 -13.17
C SER A 58 5.37 -1.91 -12.25
N VAL A 59 4.97 -1.27 -11.20
CA VAL A 59 3.92 -1.80 -10.33
C VAL A 59 2.55 -1.57 -10.97
N ALA A 60 1.62 -2.47 -10.70
CA ALA A 60 0.24 -2.32 -11.17
C ALA A 60 -0.65 -2.12 -9.95
N MET A 61 -1.65 -1.24 -10.06
N MET A 61 -1.65 -1.24 -10.06
CA MET A 61 -2.43 -0.86 -8.90
CA MET A 61 -2.42 -0.84 -8.89
C MET A 61 -3.92 -0.84 -9.19
C MET A 61 -3.91 -0.84 -9.19
N THR A 62 -4.67 -0.95 -8.11
CA THR A 62 -6.10 -0.65 -8.10
C THR A 62 -6.45 -0.15 -6.70
N ASN A 63 -7.71 0.12 -6.43
CA ASN A 63 -8.10 0.64 -5.14
C ASN A 63 -9.45 0.06 -4.77
N CYS A 64 -9.72 0.09 -3.46
CA CYS A 64 -11.07 -0.09 -2.96
C CYS A 64 -11.31 0.92 -1.86
N GLY A 65 -12.57 1.09 -1.50
CA GLY A 65 -12.97 2.12 -0.56
C GLY A 65 -13.67 3.25 -1.28
N HIS A 66 -14.07 4.26 -0.49
CA HIS A 66 -14.78 5.36 -1.11
C HIS A 66 -13.87 6.17 -2.02
N LEU A 67 -12.59 6.22 -1.72
CA LEU A 67 -11.61 6.98 -2.50
C LEU A 67 -10.52 6.04 -2.95
N GLY A 68 -9.87 6.41 -4.06
CA GLY A 68 -8.79 5.66 -4.60
C GLY A 68 -7.71 6.58 -5.10
N TRP A 69 -6.44 6.20 -4.88
CA TRP A 69 -5.29 6.96 -5.32
C TRP A 69 -5.04 6.70 -6.79
N THR A 70 -4.86 7.76 -7.55
CA THR A 70 -4.68 7.56 -8.97
C THR A 70 -3.98 8.77 -9.56
N THR A 71 -3.38 8.55 -10.74
CA THR A 71 -3.07 9.63 -11.66
C THR A 71 -4.35 10.25 -12.24
N HIS A 72 -4.28 11.55 -12.50
CA HIS A 72 -5.33 12.31 -13.16
C HIS A 72 -4.69 13.61 -13.60
N ARG A 73 -4.83 13.94 -14.89
CA ARG A 73 -4.35 15.21 -15.41
C ARG A 73 -2.90 15.50 -15.01
N GLN A 74 -2.07 14.46 -15.04
CA GLN A 74 -0.63 14.61 -14.80
C GLN A 74 -0.35 15.06 -13.37
N GLY A 75 -1.14 14.55 -12.43
CA GLY A 75 -0.89 14.72 -11.02
C GLY A 75 -1.42 13.47 -10.33
N TYR A 76 -1.16 13.39 -9.03
CA TYR A 76 -1.68 12.32 -8.18
C TYR A 76 -2.78 12.90 -7.31
N LEU A 77 -3.83 12.12 -7.08
CA LEU A 77 -4.88 12.59 -6.21
C LEU A 77 -5.75 11.40 -5.83
N TYR A 78 -6.68 11.67 -4.94
CA TYR A 78 -7.69 10.69 -4.56
C TYR A 78 -9.02 11.05 -5.23
N SER A 79 -9.65 10.05 -5.80
CA SER A 79 -10.89 10.24 -6.54
C SER A 79 -11.91 9.20 -6.10
N PRO A 80 -13.19 9.58 -6.04
CA PRO A 80 -14.22 8.57 -5.75
C PRO A 80 -14.57 7.71 -6.95
N ILE A 81 -14.06 8.04 -8.12
CA ILE A 81 -14.37 7.32 -9.36
C ILE A 81 -13.08 6.76 -9.94
N ASP A 82 -13.13 5.51 -10.38
CA ASP A 82 -11.99 4.90 -11.07
C ASP A 82 -11.96 5.44 -12.48
N PRO A 83 -10.92 6.19 -12.89
CA PRO A 83 -10.91 6.71 -14.26
C PRO A 83 -10.89 5.64 -15.33
N GLN A 84 -10.57 4.41 -15.03
CA GLN A 84 -10.57 3.38 -16.05
C GLN A 84 -11.96 2.85 -16.31
N THR A 85 -12.80 2.77 -15.29
CA THR A 85 -14.15 2.21 -15.44
C THR A 85 -15.25 3.28 -15.45
N ASN A 86 -14.93 4.48 -14.96
CA ASN A 86 -15.89 5.56 -14.73
C ASN A 86 -16.95 5.19 -13.69
N LYS A 87 -16.66 4.17 -12.90
CA LYS A 87 -17.54 3.72 -11.81
C LYS A 87 -16.82 3.93 -10.48
N PRO A 88 -17.56 3.97 -9.37
CA PRO A 88 -16.90 3.99 -8.07
C PRO A 88 -15.92 2.85 -7.94
N TRP A 89 -14.86 3.05 -7.15
CA TRP A 89 -14.03 1.94 -6.76
C TRP A 89 -14.88 0.94 -5.99
N PRO A 90 -14.52 -0.35 -6.00
CA PRO A 90 -15.27 -1.31 -5.19
C PRO A 90 -15.24 -0.91 -3.71
N ALA A 91 -16.29 -1.26 -3.00
CA ALA A 91 -16.36 -1.05 -1.57
C ALA A 91 -15.22 -1.76 -0.85
N MET A 92 -14.82 -1.18 0.27
CA MET A 92 -13.81 -1.78 1.12
CA MET A 92 -13.79 -1.79 1.09
C MET A 92 -14.26 -3.14 1.61
N PRO A 93 -13.57 -4.21 1.31
CA PRO A 93 -13.98 -5.53 1.83
C PRO A 93 -13.94 -5.59 3.34
N GLN A 94 -14.83 -6.42 3.90
CA GLN A 94 -14.82 -6.66 5.33
C GLN A 94 -13.45 -7.10 5.82
N SER A 95 -12.79 -8.01 5.09
CA SER A 95 -11.52 -8.54 5.59
C SER A 95 -10.49 -7.43 5.68
N PHE A 96 -10.51 -6.50 4.72
CA PHE A 96 -9.59 -5.37 4.71
C PHE A 96 -9.88 -4.46 5.89
N HIS A 97 -11.15 -4.08 6.03
CA HIS A 97 -11.56 -3.20 7.10
C HIS A 97 -11.13 -3.73 8.46
N ASN A 98 -11.40 -5.01 8.68
CA ASN A 98 -11.15 -5.60 9.98
C ASN A 98 -9.66 -5.75 10.26
N LEU A 99 -8.88 -6.21 9.27
CA LEU A 99 -7.46 -6.35 9.50
C LEU A 99 -6.83 -5.00 9.80
N CYS A 100 -7.17 -3.98 9.01
CA CYS A 100 -6.61 -2.65 9.23
C CYS A 100 -6.96 -2.14 10.61
N GLN A 101 -8.20 -2.32 11.03
CA GLN A 101 -8.57 -1.80 12.32
C GLN A 101 -7.82 -2.53 13.44
N ARG A 102 -7.72 -3.86 13.36
CA ARG A 102 -6.95 -4.60 14.35
C ARG A 102 -5.52 -4.11 14.44
N ALA A 103 -4.88 -3.91 13.28
CA ALA A 103 -3.48 -3.49 13.28
C ALA A 103 -3.33 -2.08 13.83
N ALA A 104 -4.17 -1.17 13.36
CA ALA A 104 -4.06 0.21 13.80
C ALA A 104 -4.34 0.31 15.28
N THR A 105 -5.33 -0.43 15.77
CA THR A 105 -5.63 -0.40 17.19
C THR A 105 -4.47 -0.97 18.02
N ALA A 106 -3.89 -2.10 17.58
CA ALA A 106 -2.74 -2.66 18.29
C ALA A 106 -1.61 -1.65 18.35
N ALA A 107 -1.41 -0.88 17.29
CA ALA A 107 -0.33 0.08 17.18
C ALA A 107 -0.62 1.42 17.86
N GLY A 108 -1.81 1.60 18.41
CA GLY A 108 -2.11 2.81 19.15
C GLY A 108 -2.77 3.90 18.36
N TYR A 109 -3.45 3.54 17.28
CA TYR A 109 -4.24 4.44 16.44
C TYR A 109 -5.68 3.92 16.36
N PRO A 110 -6.39 3.86 17.49
CA PRO A 110 -7.70 3.21 17.48
C PRO A 110 -8.75 3.94 16.66
N ASP A 111 -8.50 5.21 16.30
CA ASP A 111 -9.51 5.98 15.57
C ASP A 111 -9.20 6.07 14.11
N PHE A 112 -8.19 5.35 13.65
CA PHE A 112 -7.85 5.39 12.24
C PHE A 112 -8.98 4.76 11.45
N GLN A 113 -9.49 5.49 10.46
CA GLN A 113 -10.68 5.06 9.71
C GLN A 113 -10.37 5.33 8.26
N PRO A 114 -9.69 4.40 7.60
CA PRO A 114 -9.28 4.64 6.24
C PRO A 114 -10.50 4.58 5.34
N ASP A 115 -10.49 5.46 4.35
CA ASP A 115 -11.50 5.50 3.31
C ASP A 115 -10.91 5.17 1.96
N ALA A 116 -9.66 4.76 1.92
CA ALA A 116 -9.04 4.34 0.68
C ALA A 116 -8.11 3.19 1.02
N CYS A 117 -8.02 2.22 0.10
CA CYS A 117 -6.99 1.20 0.19
C CYS A 117 -6.40 1.00 -1.19
N LEU A 118 -5.14 1.38 -1.34
CA LEU A 118 -4.44 1.18 -2.58
C LEU A 118 -3.85 -0.22 -2.57
N ILE A 119 -4.13 -0.98 -3.62
CA ILE A 119 -3.69 -2.36 -3.78
C ILE A 119 -2.62 -2.37 -4.87
N ASN A 120 -1.40 -2.73 -4.51
CA ASN A 120 -0.24 -2.66 -5.38
C ASN A 120 0.30 -4.05 -5.63
N ARG A 121 0.31 -4.48 -6.91
CA ARG A 121 0.84 -5.76 -7.36
C ARG A 121 2.22 -5.59 -7.96
N TYR A 122 3.18 -6.29 -7.40
CA TYR A 122 4.56 -6.34 -7.89
C TYR A 122 4.77 -7.66 -8.58
N ALA A 123 5.02 -7.60 -9.89
CA ALA A 123 5.58 -8.70 -10.64
C ALA A 123 7.09 -8.75 -10.42
N PRO A 124 7.73 -9.86 -10.78
CA PRO A 124 9.19 -9.90 -10.71
C PRO A 124 9.80 -8.72 -11.45
N GLY A 125 10.76 -8.08 -10.82
CA GLY A 125 11.46 -6.94 -11.33
C GLY A 125 10.81 -5.61 -11.03
N ALA A 126 9.56 -5.59 -10.59
CA ALA A 126 8.87 -4.34 -10.33
C ALA A 126 9.43 -3.71 -9.07
N LYS A 127 9.36 -2.39 -9.01
N LYS A 127 9.37 -2.39 -9.01
CA LYS A 127 9.94 -1.61 -7.93
CA LYS A 127 9.95 -1.62 -7.93
C LYS A 127 9.16 -0.33 -7.77
C LYS A 127 9.12 -0.37 -7.75
N LEU A 128 9.35 0.31 -6.65
CA LEU A 128 8.81 1.64 -6.40
C LEU A 128 9.95 2.52 -5.99
N SER A 129 10.27 3.53 -6.80
CA SER A 129 11.37 4.40 -6.46
C SER A 129 11.07 5.24 -5.22
N LEU A 130 12.12 5.74 -4.61
CA LEU A 130 12.01 6.46 -3.36
C LEU A 130 11.07 7.65 -3.48
N HIS A 131 10.15 7.75 -2.53
CA HIS A 131 9.10 8.77 -2.58
C HIS A 131 8.59 8.99 -1.16
N GLN A 132 7.80 10.06 -1.01
CA GLN A 132 6.98 10.30 0.17
C GLN A 132 5.51 10.17 -0.20
N ASP A 133 4.68 9.80 0.77
CA ASP A 133 3.23 9.85 0.62
C ASP A 133 2.77 11.09 1.36
N LYS A 134 2.54 12.15 0.62
CA LYS A 134 2.07 13.41 1.18
C LYS A 134 0.81 13.93 0.52
N ASP A 135 0.01 13.07 -0.11
CA ASP A 135 -1.21 13.48 -0.80
C ASP A 135 -2.44 13.47 0.10
N GLU A 136 -2.29 13.07 1.32
CA GLU A 136 -3.40 12.91 2.25
C GLU A 136 -3.61 14.20 3.03
N PRO A 137 -4.85 14.49 3.43
CA PRO A 137 -5.13 15.81 4.04
C PRO A 137 -4.59 15.96 5.45
N ASP A 138 -4.44 14.88 6.21
CA ASP A 138 -3.94 14.97 7.57
C ASP A 138 -2.81 13.97 7.74
N LEU A 139 -1.58 14.46 7.74
CA LEU A 139 -0.41 13.61 7.83
C LEU A 139 -0.17 13.11 9.24
N ARG A 140 -1.04 13.40 10.19
CA ARG A 140 -1.01 12.76 11.50
C ARG A 140 -1.70 11.41 11.50
N ALA A 141 -2.49 11.12 10.50
CA ALA A 141 -3.09 9.79 10.37
C ALA A 141 -2.08 8.85 9.74
N PRO A 142 -1.89 7.67 10.30
CA PRO A 142 -0.87 6.77 9.79
C PRO A 142 -1.30 6.18 8.45
N ILE A 143 -0.38 5.48 7.80
CA ILE A 143 -0.72 4.56 6.72
C ILE A 143 -0.46 3.15 7.21
N VAL A 144 -1.40 2.24 7.00
CA VAL A 144 -1.23 0.83 7.40
C VAL A 144 -0.91 0.05 6.14
N SER A 145 0.22 -0.64 6.16
N SER A 145 0.22 -0.64 6.14
N SER A 145 0.20 -0.68 6.15
CA SER A 145 0.76 -1.38 5.03
CA SER A 145 0.68 -1.36 4.96
CA SER A 145 0.75 -1.34 4.96
C SER A 145 0.66 -2.87 5.33
C SER A 145 0.72 -2.84 5.27
C SER A 145 0.89 -2.84 5.17
N VAL A 146 0.20 -3.63 4.34
CA VAL A 146 0.09 -5.08 4.51
C VAL A 146 0.73 -5.76 3.33
N SER A 147 1.71 -6.62 3.59
CA SER A 147 2.43 -7.36 2.57
C SER A 147 1.89 -8.76 2.42
N LEU A 148 1.72 -9.21 1.16
CA LEU A 148 1.24 -10.54 0.86
C LEU A 148 2.06 -11.12 -0.28
N GLY A 149 2.39 -12.40 -0.19
CA GLY A 149 3.09 -13.09 -1.25
C GLY A 149 4.59 -13.00 -1.11
N LEU A 150 5.25 -12.78 -2.26
CA LEU A 150 6.69 -12.83 -2.33
C LEU A 150 7.32 -11.74 -1.48
N PRO A 151 8.49 -11.99 -0.93
CA PRO A 151 9.14 -11.01 -0.05
C PRO A 151 9.77 -9.89 -0.83
N ALA A 152 9.87 -8.72 -0.23
CA ALA A 152 10.45 -7.55 -0.87
C ALA A 152 11.31 -6.78 0.11
N ILE A 153 12.32 -6.10 -0.42
CA ILE A 153 13.17 -5.23 0.39
C ILE A 153 12.60 -3.81 0.35
N PHE A 154 12.15 -3.36 1.52
CA PHE A 154 11.67 -2.02 1.72
C PHE A 154 12.79 -1.13 2.23
N GLN A 155 13.01 -0.04 1.54
CA GLN A 155 14.03 0.91 1.90
C GLN A 155 13.41 2.17 2.42
N PHE A 156 14.04 2.79 3.40
CA PHE A 156 13.51 4.02 3.93
C PHE A 156 14.62 4.84 4.50
N GLY A 157 14.46 6.14 4.39
CA GLY A 157 15.45 7.04 4.89
C GLY A 157 14.87 7.89 5.98
N GLY A 158 14.66 9.14 5.66
CA GLY A 158 14.18 10.08 6.65
C GLY A 158 13.34 11.14 5.99
N LEU A 159 13.26 12.29 6.63
CA LEU A 159 12.43 13.37 6.12
C LEU A 159 13.06 14.08 4.94
N LYS A 160 14.37 13.97 4.79
CA LYS A 160 15.09 14.58 3.68
C LYS A 160 15.46 13.50 2.67
N ARG A 161 15.42 13.87 1.38
CA ARG A 161 15.66 12.93 0.31
CA ARG A 161 15.63 12.90 0.33
C ARG A 161 16.98 12.18 0.46
N ASN A 162 17.98 12.84 1.04
CA ASN A 162 19.31 12.25 1.11
C ASN A 162 19.64 11.70 2.49
N ASP A 163 18.65 11.60 3.38
CA ASP A 163 18.90 10.95 4.65
C ASP A 163 19.40 9.52 4.42
N PRO A 164 20.19 8.98 5.33
CA PRO A 164 20.71 7.63 5.13
C PRO A 164 19.60 6.59 5.04
N LEU A 165 19.78 5.63 4.14
CA LEU A 165 18.79 4.60 3.91
C LEU A 165 19.01 3.38 4.80
N LYS A 166 17.93 2.79 5.24
CA LYS A 166 17.90 1.54 5.99
C LYS A 166 16.99 0.64 5.17
N ARG A 167 17.13 -0.63 5.40
CA ARG A 167 16.40 -1.61 4.62
C ARG A 167 15.89 -2.70 5.50
N LEU A 168 14.71 -3.22 5.16
CA LEU A 168 14.21 -4.39 5.85
C LEU A 168 13.38 -5.21 4.87
N LEU A 169 13.48 -6.51 5.03
CA LEU A 169 12.65 -7.41 4.25
C LEU A 169 11.25 -7.42 4.81
N LEU A 170 10.24 -7.31 3.95
CA LEU A 170 8.85 -7.46 4.29
C LEU A 170 8.36 -8.73 3.66
N GLU A 171 7.80 -9.61 4.48
CA GLU A 171 7.40 -10.94 4.07
C GLU A 171 5.89 -11.09 4.20
N HIS A 172 5.39 -12.18 3.65
CA HIS A 172 3.98 -12.49 3.59
C HIS A 172 3.35 -12.39 4.96
N GLY A 173 2.29 -11.59 5.04
CA GLY A 173 1.61 -11.37 6.28
C GLY A 173 2.11 -10.22 7.12
N ASP A 174 3.25 -9.62 6.82
CA ASP A 174 3.76 -8.56 7.65
C ASP A 174 2.92 -7.31 7.49
N VAL A 175 2.69 -6.62 8.58
CA VAL A 175 1.97 -5.35 8.58
C VAL A 175 2.88 -4.32 9.19
N VAL A 176 2.93 -3.14 8.62
CA VAL A 176 3.62 -2.02 9.24
C VAL A 176 2.64 -0.87 9.37
N VAL A 177 2.53 -0.31 10.55
CA VAL A 177 1.77 0.91 10.77
C VAL A 177 2.75 2.07 10.76
N TRP A 178 2.74 2.85 9.71
CA TRP A 178 3.66 3.98 9.51
C TRP A 178 3.04 5.22 10.12
N GLY A 179 3.34 5.45 11.38
CA GLY A 179 2.86 6.59 12.12
C GLY A 179 3.98 7.51 12.54
N GLY A 180 3.60 8.54 13.27
CA GLY A 180 4.58 9.50 13.76
C GLY A 180 5.47 10.01 12.65
N GLU A 181 6.75 10.10 12.95
CA GLU A 181 7.68 10.64 11.99
C GLU A 181 7.81 9.76 10.77
N SER A 182 7.75 8.45 10.95
CA SER A 182 7.93 7.51 9.85
C SER A 182 6.92 7.73 8.77
N ARG A 183 5.78 8.31 9.11
CA ARG A 183 4.74 8.59 8.14
C ARG A 183 5.27 9.46 7.01
N LEU A 184 6.25 10.30 7.30
CA LEU A 184 6.80 11.24 6.34
C LEU A 184 8.14 10.81 5.75
N PHE A 185 8.66 9.64 6.08
CA PHE A 185 9.94 9.24 5.53
C PHE A 185 9.84 8.99 4.02
N TYR A 186 10.91 9.28 3.31
CA TYR A 186 11.10 8.76 1.97
C TYR A 186 11.30 7.26 2.06
N HIS A 187 10.67 6.54 1.15
CA HIS A 187 10.71 5.09 1.18
C HIS A 187 10.48 4.57 -0.23
N GLY A 188 10.77 3.29 -0.40
CA GLY A 188 10.56 2.59 -1.66
C GLY A 188 10.74 1.10 -1.51
N ILE A 189 10.58 0.40 -2.63
CA ILE A 189 10.69 -1.05 -2.68
C ILE A 189 11.65 -1.37 -3.81
N GLN A 190 12.62 -2.21 -3.53
CA GLN A 190 13.61 -2.60 -4.50
C GLN A 190 13.07 -3.66 -5.44
N PRO A 191 13.66 -3.80 -6.63
CA PRO A 191 13.15 -4.75 -7.62
C PRO A 191 12.82 -6.11 -7.05
N LEU A 192 11.62 -6.58 -7.32
CA LEU A 192 11.15 -7.80 -6.69
C LEU A 192 11.84 -9.02 -7.27
N LYS A 193 12.40 -9.83 -6.41
N LYS A 193 12.36 -9.85 -6.39
CA LYS A 193 12.96 -11.09 -6.88
CA LYS A 193 12.98 -11.11 -6.81
C LYS A 193 11.86 -12.04 -7.27
C LYS A 193 11.91 -12.14 -7.19
N ALA A 194 12.08 -12.81 -8.34
CA ALA A 194 11.15 -13.83 -8.75
C ALA A 194 11.16 -14.99 -7.77
N GLY A 195 10.04 -15.68 -7.68
CA GLY A 195 9.96 -16.83 -6.82
C GLY A 195 8.58 -17.43 -6.86
N PHE A 196 8.31 -18.28 -5.89
CA PHE A 196 7.00 -18.91 -5.77
C PHE A 196 6.45 -18.64 -4.39
N HIS A 197 5.16 -18.33 -4.32
CA HIS A 197 4.45 -18.27 -3.08
C HIS A 197 3.16 -19.06 -3.25
N PRO A 198 2.79 -19.91 -2.29
CA PRO A 198 1.62 -20.78 -2.49
C PRO A 198 0.30 -20.05 -2.64
N LEU A 199 0.17 -18.83 -2.11
CA LEU A 199 -1.10 -18.11 -2.20
C LEU A 199 -1.14 -17.08 -3.29
N THR A 200 -0.02 -16.49 -3.69
CA THR A 200 -0.03 -15.46 -4.75
C THR A 200 0.60 -15.96 -6.04
N ILE A 201 1.21 -17.14 -6.00
CA ILE A 201 1.90 -17.80 -7.09
C ILE A 201 3.22 -17.10 -7.41
N ASP A 202 3.18 -15.92 -8.02
CA ASP A 202 4.39 -15.34 -8.58
C ASP A 202 4.53 -13.85 -8.32
N CYS A 203 3.81 -13.29 -7.35
CA CYS A 203 3.82 -11.84 -7.17
C CYS A 203 3.72 -11.50 -5.70
N ARG A 204 3.93 -10.23 -5.45
CA ARG A 204 3.67 -9.64 -4.15
C ARG A 204 2.52 -8.67 -4.29
N TYR A 205 1.65 -8.61 -3.29
CA TYR A 205 0.70 -7.52 -3.16
C TYR A 205 1.00 -6.72 -1.92
N ASN A 206 0.84 -5.42 -2.00
CA ASN A 206 0.90 -4.61 -0.80
C ASN A 206 -0.36 -3.75 -0.74
N LEU A 207 -1.03 -3.78 0.37
CA LEU A 207 -2.20 -2.95 0.64
C LEU A 207 -1.75 -1.75 1.45
N THR A 208 -2.09 -0.53 1.07
CA THR A 208 -1.83 0.63 1.91
C THR A 208 -3.16 1.34 2.17
N PHE A 209 -3.60 1.27 3.41
CA PHE A 209 -4.79 1.92 3.93
C PHE A 209 -4.50 3.35 4.29
N ARG A 210 -5.36 4.26 3.81
N ARG A 210 -5.34 4.27 3.78
CA ARG A 210 -5.16 5.69 3.97
CA ARG A 210 -5.15 5.69 3.96
C ARG A 210 -6.46 6.37 4.35
C ARG A 210 -6.45 6.37 4.33
N GLN A 211 -6.33 7.41 5.17
CA GLN A 211 -7.41 8.36 5.41
C GLN A 211 -7.19 9.46 4.41
N ALA A 212 -7.99 9.46 3.36
CA ALA A 212 -7.80 10.37 2.24
C ALA A 212 -8.82 11.49 2.18
N GLY A 213 -9.97 11.33 2.79
CA GLY A 213 -10.97 12.38 2.77
C GLY A 213 -10.72 13.42 3.85
N LYS A 214 -11.23 14.62 3.61
CA LYS A 214 -11.15 15.67 4.62
C LYS A 214 -12.16 15.38 5.73
N LYS A 215 -11.72 15.51 6.97
CA LYS A 215 -12.58 15.31 8.14
C LYS A 215 -14.00 15.81 7.92
#